data_8TWS
#
_entry.id   8TWS
#
_cell.length_a   58.622
_cell.length_b   123.580
_cell.length_c   45.552
_cell.angle_alpha   90.000
_cell.angle_beta   90.000
_cell.angle_gamma   90.000
#
_symmetry.space_group_name_H-M   'P 21 21 2'
#
loop_
_entity.id
_entity.type
_entity.pdbx_description
1 polymer 'Avirulence protein B'
2 polymer 'RPM1-interacting protein 4'
3 non-polymer '[[(2~{R},3~{S},4~{R},5~{R})-5-[2,4-bis(oxidanylidene)pyrimidin-1-yl]-3,4-bis(oxidanyl)oxolan-2-yl]methoxy-oxidanyl-phosphoryl] [(2~{R},3~{R},4~{R},5~{R},6~{S})-6-methyl-3,4,5-tris(oxidanyl)oxan-2-yl] hydrogen phosphate'
#
loop_
_entity_poly.entity_id
_entity_poly.type
_entity_poly.pdbx_seq_one_letter_code
_entity_poly.pdbx_strand_id
1 'polypeptide(L)'
;AHMGCVSSKSTTVLSPQTSFNEASRTSFRALPGPSQRQLEVYDQCLIGAARWPDDSSKSNTPENRAYCQSMYNSIRSAGD
EISRGGITSFEELWGRATEWRLSKLQRGEPLYSAFASERTSDTDAVTPLVKPYKSVLARVVDHEDAHDEIMQDNLFGDLN
VKVYRQTAYLHGNVIPLNTFRVATDTEYLRDRVAHLRTELGAKALKQHLQRYNPDRIDHTNASYLPIIKDHLNDLYRQAI
SSDLSQAELISLIARTHWWAASAMPDQRGSAAKAEFAARAIASAHGIELPPFRNGNVSDIEAMLSGEEEFVEKYRSLLDS
DCF
;
A
2 'polypeptide(L)' APKFGDWDENNPSSADGYTHIFNKVRDEVD B
#
# COMPACT_ATOMS: atom_id res chain seq x y z
N ARG A 29 -1.07 -30.42 -8.56
CA ARG A 29 -2.42 -30.76 -9.00
C ARG A 29 -3.10 -29.55 -9.63
N ALA A 30 -3.60 -29.73 -10.85
CA ALA A 30 -4.31 -28.66 -11.53
C ALA A 30 -5.51 -28.21 -10.71
N LEU A 31 -5.88 -26.95 -10.89
CA LEU A 31 -6.97 -26.33 -10.16
C LEU A 31 -8.06 -25.88 -11.13
N PRO A 32 -9.28 -25.64 -10.65
CA PRO A 32 -10.39 -25.35 -11.57
C PRO A 32 -10.13 -24.19 -12.51
N GLY A 33 -9.32 -23.22 -12.10
CA GLY A 33 -9.06 -22.06 -12.91
C GLY A 33 -10.15 -21.02 -12.77
N PRO A 34 -9.98 -19.87 -13.43
CA PRO A 34 -10.93 -18.77 -13.27
C PRO A 34 -12.38 -19.23 -13.45
N SER A 35 -13.26 -18.65 -12.63
CA SER A 35 -14.69 -18.85 -12.76
C SER A 35 -15.14 -18.62 -14.20
N GLN A 36 -16.34 -19.10 -14.55
CA GLN A 36 -17.03 -18.63 -15.73
C GLN A 36 -18.01 -17.52 -15.40
N ARG A 37 -18.67 -17.61 -14.24
CA ARG A 37 -19.49 -16.52 -13.76
C ARG A 37 -18.59 -15.38 -13.30
N GLN A 38 -18.83 -14.18 -13.82
CA GLN A 38 -17.91 -13.07 -13.72
C GLN A 38 -18.61 -11.87 -13.12
N LEU A 39 -17.88 -11.12 -12.28
CA LEU A 39 -18.41 -9.89 -11.73
C LEU A 39 -19.08 -9.08 -12.84
N GLU A 40 -20.25 -8.52 -12.53
CA GLU A 40 -20.84 -7.52 -13.39
C GLU A 40 -19.79 -6.44 -13.66
N VAL A 41 -19.96 -5.69 -14.75
CA VAL A 41 -18.87 -4.84 -15.21
C VAL A 41 -18.67 -3.63 -14.32
N TYR A 42 -19.76 -3.11 -13.72
CA TYR A 42 -19.62 -2.05 -12.73
C TYR A 42 -18.55 -2.40 -11.69
N ASP A 43 -18.38 -3.69 -11.39
CA ASP A 43 -17.38 -4.12 -10.44
C ASP A 43 -16.00 -4.22 -11.07
N GLN A 44 -15.91 -4.89 -12.23
CA GLN A 44 -14.61 -5.09 -12.87
C GLN A 44 -13.86 -3.79 -13.03
N CYS A 45 -14.59 -2.69 -13.27
CA CYS A 45 -13.98 -1.37 -13.44
C CYS A 45 -13.59 -0.74 -12.12
N LEU A 46 -13.84 -1.41 -11.00
CA LEU A 46 -13.36 -0.98 -9.70
C LEU A 46 -12.19 -1.81 -9.21
N ILE A 47 -11.92 -2.96 -9.84
CA ILE A 47 -10.82 -3.82 -9.43
C ILE A 47 -9.53 -3.00 -9.41
N GLY A 48 -8.99 -2.76 -8.22
CA GLY A 48 -7.76 -2.02 -8.07
C GLY A 48 -7.92 -0.57 -7.72
N ALA A 49 -9.14 -0.03 -7.83
CA ALA A 49 -9.41 1.36 -7.48
C ALA A 49 -8.73 1.76 -6.18
N ALA A 50 -8.45 3.05 -6.01
CA ALA A 50 -8.11 3.65 -4.73
C ALA A 50 -9.31 4.51 -4.36
N ARG A 51 -10.34 3.87 -3.80
CA ARG A 51 -11.62 4.53 -3.54
C ARG A 51 -11.55 5.30 -2.22
N TRP A 52 -10.62 6.24 -2.18
CA TRP A 52 -10.44 7.12 -1.02
C TRP A 52 -11.78 7.60 -0.53
N PRO A 53 -12.03 7.56 0.78
CA PRO A 53 -13.32 8.07 1.28
C PRO A 53 -13.50 9.53 0.95
N ASP A 54 -12.40 10.28 0.89
CA ASP A 54 -12.41 11.72 0.76
C ASP A 54 -12.31 12.20 -0.67
N ASP A 55 -12.53 11.31 -1.64
CA ASP A 55 -12.44 11.65 -3.06
C ASP A 55 -12.60 10.39 -3.90
N SER A 56 -13.71 9.68 -3.73
CA SER A 56 -14.03 8.55 -4.60
C SER A 56 -14.32 8.99 -6.03
N SER A 57 -14.26 10.29 -6.31
CA SER A 57 -14.46 10.78 -7.67
C SER A 57 -13.54 10.08 -8.65
N LYS A 58 -12.26 9.91 -8.29
CA LYS A 58 -11.31 9.27 -9.19
C LYS A 58 -11.67 7.81 -9.45
N SER A 59 -12.40 7.16 -8.54
CA SER A 59 -12.90 5.82 -8.81
C SER A 59 -13.97 5.82 -9.89
N ASN A 60 -14.52 6.98 -10.21
CA ASN A 60 -15.68 7.08 -11.09
C ASN A 60 -15.34 7.50 -12.51
N THR A 61 -14.07 7.46 -12.88
CA THR A 61 -13.70 8.10 -14.14
C THR A 61 -13.55 7.08 -15.26
N PRO A 62 -13.54 7.54 -16.52
CA PRO A 62 -13.39 6.63 -17.66
C PRO A 62 -12.02 5.97 -17.73
N GLU A 63 -10.97 6.77 -17.61
CA GLU A 63 -9.61 6.23 -17.69
C GLU A 63 -9.37 5.17 -16.62
N ASN A 64 -9.81 5.41 -15.39
CA ASN A 64 -9.62 4.42 -14.33
C ASN A 64 -10.37 3.13 -14.66
N ARG A 65 -11.70 3.21 -14.78
CA ARG A 65 -12.52 2.07 -15.15
C ARG A 65 -11.88 1.29 -16.29
N ALA A 66 -11.14 1.98 -17.15
CA ALA A 66 -10.29 1.29 -18.12
C ALA A 66 -9.16 0.56 -17.41
N TYR A 67 -8.42 1.27 -16.56
CA TYR A 67 -7.32 0.67 -15.81
C TYR A 67 -7.79 -0.56 -15.04
N CYS A 68 -8.85 -0.42 -14.25
CA CYS A 68 -9.31 -1.51 -13.40
C CYS A 68 -9.72 -2.72 -14.23
N GLN A 69 -10.46 -2.50 -15.33
CA GLN A 69 -10.93 -3.62 -16.13
C GLN A 69 -9.78 -4.33 -16.81
N SER A 70 -8.76 -3.57 -17.23
CA SER A 70 -7.50 -4.19 -17.64
C SER A 70 -6.98 -5.13 -16.56
N MET A 71 -6.87 -4.63 -15.32
CA MET A 71 -6.35 -5.44 -14.23
C MET A 71 -7.15 -6.71 -14.06
N TYR A 72 -8.47 -6.60 -14.00
CA TYR A 72 -9.34 -7.75 -13.84
C TYR A 72 -9.08 -8.80 -14.91
N ASN A 73 -8.59 -8.39 -16.09
CA ASN A 73 -8.34 -9.34 -17.18
C ASN A 73 -6.99 -10.01 -17.02
N SER A 74 -5.95 -9.23 -16.71
CA SER A 74 -4.62 -9.81 -16.54
C SER A 74 -4.55 -10.66 -15.28
N ILE A 75 -5.32 -10.31 -14.24
CA ILE A 75 -5.49 -11.22 -13.11
C ILE A 75 -5.92 -12.59 -13.61
N ARG A 76 -7.03 -12.61 -14.35
CA ARG A 76 -7.68 -13.88 -14.69
C ARG A 76 -6.79 -14.75 -15.57
N SER A 77 -6.12 -14.16 -16.56
CA SER A 77 -5.16 -14.93 -17.33
C SER A 77 -4.09 -15.52 -16.40
N ALA A 78 -3.54 -14.70 -15.51
CA ALA A 78 -2.60 -15.21 -14.52
C ALA A 78 -3.20 -16.37 -13.73
N GLY A 79 -4.45 -16.18 -13.27
CA GLY A 79 -5.14 -17.28 -12.61
C GLY A 79 -5.13 -18.54 -13.44
N ASP A 80 -5.49 -18.44 -14.71
CA ASP A 80 -5.40 -19.53 -15.67
C ASP A 80 -4.07 -20.28 -15.52
N GLU A 81 -2.96 -19.54 -15.42
CA GLU A 81 -1.66 -20.19 -15.50
C GLU A 81 -1.24 -20.77 -14.16
N ILE A 82 -1.57 -20.09 -13.06
CA ILE A 82 -1.43 -20.69 -11.74
C ILE A 82 -2.09 -22.06 -11.73
N SER A 83 -3.37 -22.11 -12.11
CA SER A 83 -4.13 -23.34 -12.07
C SER A 83 -3.56 -24.44 -12.96
N ARG A 84 -2.59 -24.13 -13.82
CA ARG A 84 -1.99 -25.12 -14.71
C ARG A 84 -0.59 -25.53 -14.31
N GLY A 85 0.09 -24.75 -13.47
CA GLY A 85 1.47 -24.98 -13.15
C GLY A 85 2.45 -24.08 -13.86
N GLY A 86 1.97 -23.02 -14.52
CA GLY A 86 2.86 -22.16 -15.27
C GLY A 86 3.57 -21.14 -14.41
N ILE A 87 2.91 -20.63 -13.37
CA ILE A 87 3.52 -19.74 -12.40
C ILE A 87 3.92 -20.59 -11.20
N THR A 88 5.23 -20.71 -10.98
CA THR A 88 5.80 -21.55 -9.94
C THR A 88 6.11 -20.81 -8.66
N SER A 89 6.69 -19.62 -8.77
CA SER A 89 7.15 -18.85 -7.64
C SER A 89 6.31 -17.59 -7.48
N PHE A 90 6.17 -17.13 -6.24
CA PHE A 90 5.57 -15.81 -6.03
C PHE A 90 6.38 -14.73 -6.74
N GLU A 91 7.67 -14.98 -7.01
CA GLU A 91 8.47 -14.01 -7.74
C GLU A 91 8.06 -13.97 -9.21
N GLU A 92 7.74 -15.12 -9.80
CA GLU A 92 7.25 -15.15 -11.17
C GLU A 92 5.87 -14.50 -11.25
N LEU A 93 5.00 -14.80 -10.28
CA LEU A 93 3.71 -14.11 -10.21
C LEU A 93 3.91 -12.60 -10.18
N TRP A 94 4.69 -12.12 -9.20
CA TRP A 94 4.93 -10.68 -9.07
C TRP A 94 5.49 -10.10 -10.36
N GLY A 95 6.22 -10.89 -11.13
CA GLY A 95 6.58 -10.46 -12.47
C GLY A 95 5.36 -10.24 -13.33
N ARG A 96 4.35 -11.11 -13.20
CA ARG A 96 3.14 -10.95 -14.00
C ARG A 96 2.37 -9.70 -13.61
N ALA A 97 2.39 -9.33 -12.34
CA ALA A 97 1.73 -8.10 -11.92
C ALA A 97 2.53 -6.88 -12.37
N THR A 98 3.83 -6.88 -12.09
CA THR A 98 4.70 -5.79 -12.54
C THR A 98 4.55 -5.56 -14.03
N GLU A 99 4.80 -6.59 -14.83
CA GLU A 99 4.64 -6.51 -16.28
C GLU A 99 3.33 -5.82 -16.65
N TRP A 100 2.22 -6.26 -16.07
CA TRP A 100 0.94 -5.65 -16.40
C TRP A 100 0.97 -4.15 -16.11
N ARG A 101 1.34 -3.78 -14.89
CA ARG A 101 1.17 -2.40 -14.43
C ARG A 101 1.94 -1.43 -15.32
N LEU A 102 3.20 -1.75 -15.62
CA LEU A 102 4.00 -0.87 -16.48
C LEU A 102 3.28 -0.59 -17.80
N SER A 103 2.75 -1.65 -18.41
CA SER A 103 2.02 -1.48 -19.68
C SER A 103 0.90 -0.46 -19.57
N LYS A 104 0.50 -0.10 -18.36
CA LYS A 104 -0.51 0.94 -18.14
C LYS A 104 0.12 2.32 -17.94
N LEU A 105 1.44 2.41 -17.86
CA LEU A 105 2.10 3.69 -17.65
C LEU A 105 2.25 4.42 -18.99
N GLN A 106 1.65 5.60 -19.09
CA GLN A 106 1.96 6.52 -20.17
C GLN A 106 3.02 7.54 -19.78
N ARG A 107 3.55 7.44 -18.55
CA ARG A 107 4.64 8.29 -18.11
C ARG A 107 5.97 7.75 -18.67
N GLY A 108 7.08 8.34 -18.24
CA GLY A 108 8.37 8.14 -18.87
C GLY A 108 9.37 7.39 -18.02
N GLU A 109 10.60 7.32 -18.54
CA GLU A 109 11.63 6.48 -17.93
C GLU A 109 11.86 6.79 -16.45
N PRO A 110 12.11 8.04 -16.03
CA PRO A 110 12.06 8.34 -14.59
C PRO A 110 10.62 8.30 -14.11
N LEU A 111 10.16 7.08 -13.80
CA LEU A 111 8.79 6.75 -13.42
C LEU A 111 8.56 5.32 -13.91
N TYR A 112 9.02 5.02 -15.13
CA TYR A 112 9.03 3.64 -15.60
C TYR A 112 10.04 2.80 -14.83
N SER A 113 11.18 3.40 -14.48
CA SER A 113 12.22 2.65 -13.77
C SER A 113 11.81 2.35 -12.34
N ALA A 114 11.10 3.28 -11.68
CA ALA A 114 10.68 3.07 -10.30
C ALA A 114 9.70 1.91 -10.21
N PHE A 115 8.58 2.02 -10.92
CA PHE A 115 7.59 0.94 -10.97
C PHE A 115 8.21 -0.40 -11.35
N ALA A 116 9.43 -0.40 -11.87
CA ALA A 116 10.07 -1.62 -12.37
C ALA A 116 11.16 -2.16 -11.46
N SER A 117 11.56 -1.42 -10.43
CA SER A 117 12.77 -1.73 -9.69
C SER A 117 12.44 -2.04 -8.23
N GLU A 118 13.01 -3.12 -7.71
CA GLU A 118 12.85 -3.46 -6.31
C GLU A 118 13.58 -2.43 -5.45
N ARG A 119 12.94 -2.03 -4.36
CA ARG A 119 13.61 -1.21 -3.36
C ARG A 119 14.84 -1.96 -2.84
N THR A 120 15.93 -1.23 -2.66
CA THR A 120 17.20 -1.81 -2.26
C THR A 120 17.59 -1.31 -0.89
N SER A 121 18.60 -1.97 -0.31
CA SER A 121 18.92 -1.79 1.10
C SER A 121 19.62 -0.48 1.40
N ASP A 122 20.09 0.26 0.39
CA ASP A 122 20.76 1.52 0.62
C ASP A 122 19.81 2.71 0.57
N THR A 123 18.53 2.52 0.87
CA THR A 123 17.57 3.61 0.72
C THR A 123 16.42 3.47 1.71
N ASP A 124 15.66 4.56 1.83
CA ASP A 124 14.52 4.64 2.72
C ASP A 124 13.32 5.19 1.96
N ALA A 125 12.26 4.39 1.87
CA ALA A 125 11.00 4.90 1.34
C ALA A 125 10.38 5.88 2.33
N VAL A 126 9.57 6.79 1.79
CA VAL A 126 8.80 7.74 2.58
C VAL A 126 7.57 8.16 1.80
N THR A 127 6.45 8.32 2.49
CA THR A 127 5.24 8.89 1.91
C THR A 127 4.74 10.03 2.79
N PRO A 128 4.91 11.29 2.40
CA PRO A 128 4.25 12.37 3.12
C PRO A 128 2.75 12.17 3.18
N LEU A 129 2.18 12.41 4.35
CA LEU A 129 0.73 12.32 4.52
C LEU A 129 0.12 13.67 4.15
N VAL A 130 0.02 13.91 2.85
CA VAL A 130 -0.61 15.11 2.31
C VAL A 130 -1.91 14.64 1.64
N LYS A 131 -2.20 15.15 0.41
CA LYS A 131 -3.33 14.59 -0.34
C LYS A 131 -2.82 13.54 -1.32
N PRO A 132 -3.58 12.46 -1.60
CA PRO A 132 -4.94 12.14 -1.15
C PRO A 132 -4.90 11.43 0.19
N TYR A 133 -3.71 11.32 0.79
CA TYR A 133 -3.55 10.61 2.05
C TYR A 133 -3.91 11.46 3.26
N LYS A 134 -4.90 12.35 3.13
CA LYS A 134 -5.28 13.19 4.27
C LYS A 134 -6.29 12.51 5.19
N SER A 135 -7.13 11.63 4.65
CA SER A 135 -8.01 10.83 5.50
C SER A 135 -7.21 10.04 6.52
N VAL A 136 -6.05 9.52 6.10
CA VAL A 136 -5.26 8.63 6.97
C VAL A 136 -5.00 9.27 8.32
N LEU A 137 -4.78 10.60 8.34
CA LEU A 137 -4.31 11.24 9.56
C LEU A 137 -5.24 10.96 10.74
N ALA A 138 -6.55 10.92 10.49
CA ALA A 138 -7.47 10.54 11.55
C ALA A 138 -7.28 9.08 11.95
N ARG A 139 -7.10 8.20 10.97
CA ARG A 139 -6.96 6.78 11.26
C ARG A 139 -5.79 6.50 12.18
N VAL A 140 -4.72 7.28 12.07
CA VAL A 140 -3.59 7.12 12.99
C VAL A 140 -3.95 7.70 14.36
N VAL A 141 -4.69 8.81 14.38
CA VAL A 141 -4.88 9.56 15.61
C VAL A 141 -5.86 8.85 16.53
N ASP A 142 -6.93 8.29 15.98
CA ASP A 142 -7.90 7.54 16.76
C ASP A 142 -7.62 6.05 16.75
N HIS A 143 -6.48 5.63 16.21
CA HIS A 143 -6.08 4.23 16.26
C HIS A 143 -5.91 3.79 17.70
N GLU A 144 -6.53 2.66 18.05
CA GLU A 144 -6.46 2.18 19.43
C GLU A 144 -5.03 1.80 19.81
N ASP A 145 -4.23 1.35 18.85
CA ASP A 145 -2.85 0.96 19.09
C ASP A 145 -1.88 2.12 18.90
N ALA A 146 -2.35 3.35 19.00
CA ALA A 146 -1.51 4.51 18.75
C ALA A 146 -0.74 4.91 20.00
N HIS A 147 0.55 5.21 19.82
CA HIS A 147 1.37 5.72 20.89
C HIS A 147 1.26 7.24 20.95
N ASP A 148 1.91 7.84 21.95
CA ASP A 148 2.15 9.28 22.02
C ASP A 148 3.63 9.46 22.29
N GLU A 149 4.36 9.94 21.29
CA GLU A 149 5.82 9.99 21.36
C GLU A 149 6.32 11.41 21.06
N ILE A 150 7.61 11.55 20.82
CA ILE A 150 8.21 12.84 20.49
C ILE A 150 9.12 12.65 19.28
N MET A 151 8.97 13.53 18.29
CA MET A 151 9.79 13.53 17.08
C MET A 151 10.75 14.71 17.17
N GLN A 152 12.05 14.42 17.26
CA GLN A 152 13.08 15.44 17.41
C GLN A 152 13.55 15.87 16.03
N ASP A 153 13.26 17.11 15.68
CA ASP A 153 13.42 17.63 14.31
C ASP A 153 14.37 18.81 14.33
N ASN A 154 15.36 18.79 13.43
CA ASN A 154 16.40 19.81 13.44
C ASN A 154 15.89 21.20 13.07
N LEU A 155 14.69 21.30 12.49
CA LEU A 155 14.14 22.60 12.08
C LEU A 155 12.94 23.01 12.91
N PHE A 156 12.01 22.11 13.18
CA PHE A 156 10.89 22.39 14.07
C PHE A 156 11.22 22.09 15.53
N GLY A 157 12.17 21.19 15.77
CA GLY A 157 12.62 20.93 17.12
C GLY A 157 12.02 19.68 17.73
N ASP A 158 11.21 19.84 18.77
CA ASP A 158 10.54 18.76 19.44
C ASP A 158 9.05 18.84 19.16
N LEU A 159 8.44 17.71 18.82
CA LEU A 159 7.06 17.68 18.37
C LEU A 159 6.33 16.50 18.99
N ASN A 160 5.06 16.71 19.32
CA ASN A 160 4.18 15.59 19.65
C ASN A 160 3.74 14.90 18.38
N VAL A 161 3.69 13.57 18.42
CA VAL A 161 3.21 12.79 17.29
C VAL A 161 2.45 11.58 17.82
N LYS A 162 1.22 11.39 17.35
CA LYS A 162 0.58 10.10 17.49
C LYS A 162 1.25 9.12 16.55
N VAL A 163 1.58 7.93 17.05
CA VAL A 163 2.41 7.00 16.32
C VAL A 163 1.74 5.64 16.33
N TYR A 164 1.60 5.05 15.16
CA TYR A 164 1.37 3.62 15.02
C TYR A 164 2.66 2.99 14.52
N ARG A 165 2.97 1.80 15.01
CA ARG A 165 4.17 1.08 14.62
C ARG A 165 3.77 -0.32 14.23
N GLN A 166 3.31 -0.48 12.99
CA GLN A 166 3.02 -1.80 12.47
C GLN A 166 4.19 -2.72 12.70
N THR A 167 3.91 -3.94 13.15
CA THR A 167 4.93 -4.96 13.27
C THR A 167 4.36 -6.30 12.82
N ALA A 168 5.26 -7.17 12.39
CA ALA A 168 4.92 -8.51 11.97
C ALA A 168 5.76 -9.49 12.75
N TYR A 169 5.24 -10.69 12.94
CA TYR A 169 5.90 -11.74 13.71
C TYR A 169 6.12 -12.94 12.80
N LEU A 170 7.35 -13.46 12.83
CA LEU A 170 7.79 -14.47 11.87
C LEU A 170 8.85 -15.32 12.53
N HIS A 171 8.74 -16.64 12.39
CA HIS A 171 9.62 -17.59 13.07
C HIS A 171 9.69 -17.30 14.57
N GLY A 172 8.73 -16.53 15.08
CA GLY A 172 8.79 -16.00 16.41
C GLY A 172 9.35 -14.59 16.50
N ASN A 173 10.25 -14.22 15.59
CA ASN A 173 10.94 -12.93 15.73
C ASN A 173 10.10 -11.77 15.23
N VAL A 174 10.29 -10.63 15.88
CA VAL A 174 9.51 -9.43 15.60
C VAL A 174 10.13 -8.71 14.40
N ILE A 175 9.29 -8.27 13.47
CA ILE A 175 9.72 -7.45 12.36
C ILE A 175 9.01 -6.10 12.49
N PRO A 176 9.74 -5.00 12.60
CA PRO A 176 9.10 -3.68 12.43
C PRO A 176 8.81 -3.42 10.97
N LEU A 177 7.75 -2.66 10.73
CA LEU A 177 7.36 -2.32 9.37
C LEU A 177 7.15 -0.82 9.26
N ASN A 178 6.01 -0.42 8.72
CA ASN A 178 5.75 0.99 8.45
C ASN A 178 5.37 1.71 9.74
N THR A 179 5.61 3.01 9.74
CA THR A 179 5.56 3.81 10.96
C THR A 179 4.79 5.10 10.66
N PHE A 180 3.55 5.16 11.11
CA PHE A 180 2.70 6.32 10.91
C PHE A 180 2.93 7.31 12.03
N ARG A 181 3.18 8.57 11.67
CA ARG A 181 3.36 9.65 12.62
C ARG A 181 2.54 10.85 12.19
N VAL A 182 1.90 11.52 13.14
CA VAL A 182 1.06 12.68 12.87
C VAL A 182 1.39 13.75 13.90
N ALA A 183 1.96 14.86 13.44
CA ALA A 183 2.23 15.99 14.32
C ALA A 183 0.92 16.68 14.70
N THR A 184 0.82 17.06 15.97
CA THR A 184 -0.46 17.46 16.56
C THR A 184 -0.44 18.85 17.17
N ASP A 185 0.72 19.42 17.46
CA ASP A 185 0.81 20.80 17.93
C ASP A 185 0.65 21.74 16.71
N THR A 186 -0.47 21.53 16.00
CA THR A 186 -0.58 21.97 14.61
C THR A 186 -0.38 23.48 14.44
N GLU A 187 -0.71 24.27 15.46
CA GLU A 187 -0.59 25.72 15.36
C GLU A 187 0.87 26.17 15.33
N TYR A 188 1.66 25.71 16.31
CA TYR A 188 3.12 25.86 16.25
C TYR A 188 3.59 25.69 14.81
N LEU A 189 3.23 24.58 14.17
CA LEU A 189 3.78 24.22 12.87
C LEU A 189 3.56 25.32 11.84
N ARG A 190 2.30 25.56 11.47
CA ARG A 190 2.01 26.59 10.46
C ARG A 190 2.75 27.88 10.78
N ASP A 191 2.87 28.22 12.06
CA ASP A 191 3.69 29.36 12.45
C ASP A 191 5.16 29.08 12.17
N ARG A 192 5.66 27.93 12.64
CA ARG A 192 7.07 27.58 12.43
C ARG A 192 7.38 27.49 10.94
N VAL A 193 6.57 26.74 10.19
CA VAL A 193 6.88 26.47 8.79
C VAL A 193 7.05 27.77 8.01
N ALA A 194 6.08 28.69 8.14
CA ALA A 194 6.19 29.97 7.44
C ALA A 194 7.47 30.68 7.79
N HIS A 195 7.79 30.74 9.09
CA HIS A 195 9.10 31.16 9.57
C HIS A 195 10.20 30.60 8.69
N LEU A 196 10.38 29.27 8.71
CA LEU A 196 11.56 28.65 8.12
C LEU A 196 11.71 28.97 6.64
N ARG A 197 10.61 29.13 5.91
CA ARG A 197 10.69 29.14 4.46
C ARG A 197 11.57 30.27 3.94
N THR A 198 11.32 31.49 4.40
CA THR A 198 11.98 32.65 3.81
C THR A 198 13.50 32.60 3.97
N GLU A 199 14.01 31.89 4.97
CA GLU A 199 15.44 31.85 5.20
C GLU A 199 16.13 30.88 4.26
N LEU A 200 15.80 29.59 4.38
CA LEU A 200 16.42 28.56 3.56
C LEU A 200 15.96 28.63 2.11
N GLY A 201 14.85 29.31 1.83
CA GLY A 201 14.23 29.24 0.53
C GLY A 201 13.31 28.03 0.44
N ALA A 202 12.17 28.20 -0.24
CA ALA A 202 11.33 27.05 -0.54
C ALA A 202 12.17 25.89 -1.03
N LYS A 203 13.19 26.19 -1.84
CA LYS A 203 14.07 25.18 -2.39
C LYS A 203 14.54 24.20 -1.33
N ALA A 204 14.97 24.70 -0.16
CA ALA A 204 15.56 23.87 0.87
C ALA A 204 14.58 23.46 1.95
N LEU A 205 13.38 24.03 1.99
CA LEU A 205 12.37 23.57 2.92
C LEU A 205 11.65 22.35 2.37
N LYS A 206 11.21 22.43 1.11
CA LYS A 206 10.64 21.28 0.44
C LYS A 206 11.58 20.08 0.52
N GLN A 207 12.89 20.33 0.43
CA GLN A 207 13.86 19.27 0.64
C GLN A 207 13.60 18.53 1.95
N HIS A 208 13.46 19.28 3.04
CA HIS A 208 13.20 18.67 4.34
C HIS A 208 11.88 17.91 4.35
N LEU A 209 10.81 18.56 3.88
CA LEU A 209 9.49 17.97 3.96
C LEU A 209 9.38 16.72 3.08
N GLN A 210 10.12 16.68 1.98
CA GLN A 210 10.19 15.46 1.18
C GLN A 210 10.62 14.28 2.05
N ARG A 211 11.46 14.52 3.06
CA ARG A 211 12.03 13.47 3.88
C ARG A 211 11.66 13.54 5.35
N TYR A 212 11.13 14.68 5.83
CA TYR A 212 10.92 14.84 7.26
C TYR A 212 9.65 15.63 7.57
N ASN A 213 8.67 15.59 6.68
CA ASN A 213 7.38 16.20 6.98
C ASN A 213 6.88 15.66 8.32
N PRO A 214 6.43 16.53 9.23
CA PRO A 214 5.91 16.04 10.52
C PRO A 214 4.94 14.88 10.40
N ASP A 215 4.09 14.88 9.37
CA ASP A 215 3.10 13.84 9.16
C ASP A 215 3.54 12.98 7.99
N ARG A 216 3.78 11.70 8.23
CA ARG A 216 4.42 10.88 7.21
C ARG A 216 4.41 9.42 7.62
N ILE A 217 4.44 8.55 6.61
CA ILE A 217 4.66 7.13 6.77
C ILE A 217 6.14 6.87 6.51
N ASP A 218 6.79 6.15 7.42
CA ASP A 218 8.18 5.73 7.25
C ASP A 218 8.18 4.22 7.07
N HIS A 219 8.52 3.77 5.87
CA HIS A 219 8.11 2.44 5.45
C HIS A 219 9.06 1.36 5.94
N THR A 220 8.63 0.12 5.74
CA THR A 220 9.41 -1.06 6.12
C THR A 220 10.83 -0.96 5.57
N ASN A 221 11.81 -1.00 6.47
CA ASN A 221 13.20 -0.98 6.04
C ASN A 221 13.43 -2.01 4.95
N ALA A 222 14.03 -1.57 3.84
CA ALA A 222 14.23 -2.46 2.71
C ALA A 222 15.10 -3.66 3.06
N SER A 223 15.85 -3.60 4.16
CA SER A 223 16.74 -4.70 4.52
C SER A 223 15.98 -5.96 4.85
N TYR A 224 14.72 -5.84 5.30
CA TYR A 224 13.93 -7.02 5.63
C TYR A 224 13.48 -7.77 4.39
N LEU A 225 13.56 -7.17 3.21
CA LEU A 225 12.87 -7.69 2.04
C LEU A 225 13.36 -9.05 1.57
N PRO A 226 14.65 -9.39 1.71
CA PRO A 226 15.07 -10.75 1.34
C PRO A 226 14.23 -11.83 2.01
N ILE A 227 14.06 -11.76 3.33
CA ILE A 227 13.38 -12.81 4.06
C ILE A 227 11.87 -12.72 3.85
N ILE A 228 11.33 -11.50 3.79
CA ILE A 228 9.91 -11.34 3.52
C ILE A 228 9.53 -11.96 2.17
N LYS A 229 10.51 -12.11 1.28
CA LYS A 229 10.25 -12.67 -0.04
C LYS A 229 10.20 -14.20 0.01
N ASP A 230 11.10 -14.83 0.76
CA ASP A 230 11.01 -16.26 1.01
C ASP A 230 9.67 -16.61 1.65
N HIS A 231 9.32 -15.91 2.74
CA HIS A 231 8.07 -16.19 3.43
C HIS A 231 6.88 -16.06 2.48
N LEU A 232 6.98 -15.21 1.46
CA LEU A 232 5.88 -15.04 0.53
C LEU A 232 5.86 -16.10 -0.55
N ASN A 233 6.99 -16.75 -0.82
CA ASN A 233 6.98 -17.92 -1.71
C ASN A 233 6.49 -19.15 -0.95
N ASP A 234 6.90 -19.29 0.32
CA ASP A 234 6.28 -20.29 1.18
C ASP A 234 4.77 -20.14 1.18
N LEU A 235 4.29 -18.91 1.41
CA LEU A 235 2.85 -18.68 1.53
C LEU A 235 2.12 -18.96 0.23
N TYR A 236 2.68 -18.52 -0.90
CA TYR A 236 2.07 -18.78 -2.20
C TYR A 236 1.97 -20.28 -2.46
N ARG A 237 3.09 -20.98 -2.31
CA ARG A 237 3.13 -22.42 -2.50
C ARG A 237 1.99 -23.13 -1.77
N GLN A 238 1.74 -22.76 -0.51
CA GLN A 238 0.69 -23.44 0.24
C GLN A 238 -0.68 -23.20 -0.39
N ALA A 239 -0.96 -21.97 -0.80
CA ALA A 239 -2.28 -21.61 -1.28
C ALA A 239 -2.54 -22.06 -2.71
N ILE A 240 -1.53 -22.58 -3.41
CA ILE A 240 -1.79 -23.24 -4.69
C ILE A 240 -1.90 -24.73 -4.44
N SER A 241 -2.36 -25.11 -3.25
CA SER A 241 -2.72 -26.49 -2.97
C SER A 241 -4.01 -26.81 -3.73
N SER A 242 -4.54 -28.01 -3.48
CA SER A 242 -5.82 -28.43 -4.04
C SER A 242 -6.79 -28.93 -2.98
N ASP A 243 -6.33 -29.10 -1.74
CA ASP A 243 -7.14 -29.66 -0.66
C ASP A 243 -7.74 -28.60 0.24
N LEU A 244 -7.46 -27.33 -0.01
CA LEU A 244 -7.78 -26.28 0.95
C LEU A 244 -9.27 -26.01 1.01
N SER A 245 -9.83 -25.96 2.21
CA SER A 245 -11.21 -25.53 2.39
C SER A 245 -11.36 -24.09 1.92
N GLN A 246 -12.62 -23.65 1.78
CA GLN A 246 -12.86 -22.29 1.35
C GLN A 246 -12.38 -21.28 2.40
N ALA A 247 -12.36 -21.68 3.66
CA ALA A 247 -11.95 -20.78 4.72
C ALA A 247 -10.44 -20.57 4.71
N GLU A 248 -9.68 -21.66 4.84
CA GLU A 248 -8.23 -21.58 4.81
C GLU A 248 -7.74 -20.76 3.62
N LEU A 249 -8.01 -21.26 2.41
CA LEU A 249 -7.54 -20.61 1.18
C LEU A 249 -7.65 -19.10 1.28
N ILE A 250 -8.82 -18.60 1.67
CA ILE A 250 -8.99 -17.16 1.86
C ILE A 250 -8.00 -16.66 2.91
N SER A 251 -7.97 -17.32 4.07
CA SER A 251 -7.03 -16.94 5.13
C SER A 251 -5.61 -16.86 4.58
N LEU A 252 -5.26 -17.73 3.64
CA LEU A 252 -3.97 -17.64 2.97
C LEU A 252 -3.91 -16.40 2.08
N ILE A 253 -4.97 -16.15 1.31
CA ILE A 253 -4.99 -15.01 0.40
C ILE A 253 -4.82 -13.71 1.19
N ALA A 254 -5.58 -13.55 2.28
CA ALA A 254 -5.50 -12.31 3.05
C ALA A 254 -4.09 -12.07 3.55
N ARG A 255 -3.39 -13.13 3.96
CA ARG A 255 -2.04 -13.00 4.47
C ARG A 255 -1.11 -12.45 3.41
N THR A 256 -0.90 -13.23 2.34
CA THR A 256 -0.15 -12.78 1.17
C THR A 256 -0.39 -11.31 0.89
N HIS A 257 -1.66 -10.95 0.70
CA HIS A 257 -2.01 -9.56 0.44
C HIS A 257 -1.50 -8.65 1.55
N TRP A 258 -1.59 -9.10 2.80
CA TRP A 258 -1.06 -8.29 3.90
C TRP A 258 0.44 -8.11 3.78
N TRP A 259 1.17 -9.22 3.59
CA TRP A 259 2.63 -9.17 3.68
C TRP A 259 3.23 -8.36 2.54
N ALA A 260 2.79 -8.63 1.31
CA ALA A 260 3.29 -7.86 0.16
C ALA A 260 3.05 -6.37 0.35
N ALA A 261 1.79 -5.97 0.46
CA ALA A 261 1.44 -4.56 0.54
C ALA A 261 2.20 -3.84 1.66
N SER A 262 2.42 -4.53 2.77
CA SER A 262 3.00 -3.88 3.95
C SER A 262 4.52 -3.83 3.89
N ALA A 263 5.15 -4.76 3.19
CA ALA A 263 6.59 -4.67 2.94
C ALA A 263 6.91 -3.69 1.83
N MET A 264 5.94 -3.37 0.97
CA MET A 264 6.11 -2.40 -0.11
C MET A 264 7.41 -2.70 -0.84
N PRO A 265 7.51 -3.85 -1.50
CA PRO A 265 8.81 -4.32 -2.00
C PRO A 265 9.38 -3.54 -3.18
N ASP A 266 8.55 -2.82 -3.94
CA ASP A 266 9.00 -2.10 -5.11
C ASP A 266 8.94 -0.60 -4.86
N GLN A 267 9.77 0.15 -5.59
CA GLN A 267 9.79 1.59 -5.41
C GLN A 267 8.42 2.20 -5.68
N ARG A 268 7.71 1.69 -6.68
CA ARG A 268 6.40 2.20 -7.03
C ARG A 268 5.50 1.06 -7.50
N GLY A 269 4.21 1.16 -7.18
CA GLY A 269 3.21 0.25 -7.67
C GLY A 269 2.88 -0.92 -6.77
N SER A 270 3.64 -1.11 -5.68
CA SER A 270 3.41 -2.26 -4.80
C SER A 270 1.94 -2.44 -4.49
N ALA A 271 1.22 -1.34 -4.24
CA ALA A 271 -0.19 -1.42 -3.90
C ALA A 271 -0.95 -2.27 -4.91
N ALA A 272 -0.99 -1.81 -6.16
CA ALA A 272 -1.65 -2.58 -7.22
C ALA A 272 -1.13 -4.01 -7.25
N LYS A 273 0.18 -4.15 -7.50
CA LYS A 273 0.82 -5.45 -7.60
C LYS A 273 0.34 -6.43 -6.54
N ALA A 274 0.34 -6.00 -5.27
CA ALA A 274 -0.10 -6.88 -4.19
C ALA A 274 -1.51 -7.41 -4.45
N GLU A 275 -2.45 -6.50 -4.63
CA GLU A 275 -3.83 -6.89 -4.91
C GLU A 275 -3.94 -7.74 -6.16
N PHE A 276 -3.10 -7.48 -7.16
CA PHE A 276 -3.04 -8.32 -8.36
C PHE A 276 -2.75 -9.77 -7.98
N ALA A 277 -1.63 -9.99 -7.29
CA ALA A 277 -1.25 -11.34 -6.86
C ALA A 277 -2.40 -12.04 -6.15
N ALA A 278 -2.81 -11.50 -5.01
CA ALA A 278 -3.90 -12.07 -4.22
C ALA A 278 -5.07 -12.49 -5.10
N ARG A 279 -5.59 -11.56 -5.89
CA ARG A 279 -6.79 -11.86 -6.68
C ARG A 279 -6.51 -12.89 -7.76
N ALA A 280 -5.28 -12.95 -8.28
CA ALA A 280 -4.95 -13.99 -9.23
C ALA A 280 -4.93 -15.36 -8.55
N ILE A 281 -4.46 -15.41 -7.31
CA ILE A 281 -4.48 -16.68 -6.58
C ILE A 281 -5.90 -17.11 -6.30
N ALA A 282 -6.80 -16.15 -6.08
CA ALA A 282 -8.20 -16.50 -5.82
C ALA A 282 -8.85 -17.09 -7.06
N SER A 283 -8.67 -16.46 -8.21
CA SER A 283 -9.30 -16.96 -9.44
C SER A 283 -8.73 -18.30 -9.86
N ALA A 284 -7.47 -18.57 -9.51
CA ALA A 284 -6.89 -19.88 -9.80
C ALA A 284 -7.77 -20.99 -9.24
N HIS A 285 -8.19 -20.83 -7.98
CA HIS A 285 -9.08 -21.80 -7.34
C HIS A 285 -10.52 -21.66 -7.80
N GLY A 286 -10.81 -20.75 -8.72
CA GLY A 286 -12.17 -20.55 -9.19
C GLY A 286 -12.98 -19.58 -8.36
N ILE A 287 -12.34 -18.72 -7.58
CA ILE A 287 -13.04 -17.73 -6.78
C ILE A 287 -13.03 -16.41 -7.55
N GLU A 288 -14.06 -15.61 -7.31
CA GLU A 288 -14.28 -14.37 -8.05
C GLU A 288 -14.58 -13.26 -7.04
N LEU A 289 -13.55 -12.85 -6.29
CA LEU A 289 -13.73 -11.84 -5.26
C LEU A 289 -14.20 -10.52 -5.88
N PRO A 290 -14.86 -9.67 -5.09
CA PRO A 290 -15.41 -8.43 -5.64
C PRO A 290 -14.43 -7.28 -5.47
N PRO A 291 -14.83 -6.07 -5.82
CA PRO A 291 -14.02 -4.90 -5.45
C PRO A 291 -14.11 -4.65 -3.96
N PHE A 292 -12.99 -4.21 -3.38
CA PHE A 292 -13.00 -3.80 -1.98
C PHE A 292 -14.11 -2.78 -1.76
N ARG A 293 -14.47 -2.53 -0.51
CA ARG A 293 -15.51 -1.56 -0.21
C ARG A 293 -14.98 -0.15 -0.42
N ASN A 294 -15.90 0.77 -0.70
CA ASN A 294 -15.53 2.18 -0.83
C ASN A 294 -14.83 2.63 0.44
N GLY A 295 -13.83 3.51 0.27
CA GLY A 295 -13.08 4.01 1.40
C GLY A 295 -12.27 2.96 2.13
N ASN A 296 -12.13 1.77 1.53
CA ASN A 296 -11.29 0.72 2.07
C ASN A 296 -10.09 0.53 1.14
N VAL A 297 -9.20 1.53 1.11
CA VAL A 297 -7.98 1.41 0.33
C VAL A 297 -7.17 0.28 0.93
N SER A 298 -7.05 -0.84 0.21
CA SER A 298 -6.67 -2.10 0.83
C SER A 298 -5.24 -2.06 1.38
N ASP A 299 -4.30 -1.47 0.63
CA ASP A 299 -2.92 -1.43 1.12
C ASP A 299 -2.84 -0.69 2.44
N ILE A 300 -3.52 0.44 2.56
CA ILE A 300 -3.45 1.23 3.78
C ILE A 300 -4.18 0.52 4.93
N GLU A 301 -5.33 -0.11 4.63
CA GLU A 301 -5.99 -0.95 5.63
C GLU A 301 -5.02 -1.98 6.18
N ALA A 302 -4.12 -2.48 5.34
CA ALA A 302 -3.16 -3.49 5.78
C ALA A 302 -1.95 -2.86 6.46
N MET A 303 -1.56 -1.65 6.07
CA MET A 303 -0.43 -1.00 6.72
C MET A 303 -0.77 -0.62 8.15
N LEU A 304 -2.02 -0.21 8.40
CA LEU A 304 -2.49 0.12 9.74
C LEU A 304 -3.12 -1.09 10.44
N SER A 305 -2.47 -2.24 10.41
CA SER A 305 -3.06 -3.38 11.10
C SER A 305 -2.03 -4.48 11.27
N GLY A 306 -2.24 -5.29 12.30
CA GLY A 306 -1.46 -6.50 12.47
C GLY A 306 -1.93 -7.59 11.53
N GLU A 307 -1.14 -8.67 11.51
CA GLU A 307 -1.42 -9.76 10.57
C GLU A 307 -2.81 -10.34 10.78
N GLU A 308 -3.11 -10.76 12.01
CA GLU A 308 -4.36 -11.47 12.27
C GLU A 308 -5.56 -10.55 12.29
N GLU A 309 -5.39 -9.31 12.75
CA GLU A 309 -6.42 -8.30 12.55
C GLU A 309 -6.85 -8.28 11.09
N PHE A 310 -5.89 -8.16 10.19
CA PHE A 310 -6.21 -8.00 8.78
C PHE A 310 -6.77 -9.28 8.17
N VAL A 311 -6.20 -10.43 8.54
CA VAL A 311 -6.74 -11.69 8.03
C VAL A 311 -8.22 -11.79 8.35
N GLU A 312 -8.60 -11.48 9.59
CA GLU A 312 -10.01 -11.57 9.97
C GLU A 312 -10.85 -10.58 9.18
N LYS A 313 -10.47 -9.30 9.16
CA LYS A 313 -11.35 -8.31 8.56
C LYS A 313 -11.42 -8.38 7.04
N TYR A 314 -10.51 -9.11 6.40
CA TYR A 314 -10.43 -9.12 4.94
C TYR A 314 -11.80 -9.28 4.27
N ARG A 315 -12.59 -10.28 4.70
CA ARG A 315 -13.83 -10.58 3.98
C ARG A 315 -14.74 -9.37 3.92
N SER A 316 -14.80 -8.57 4.99
CA SER A 316 -15.73 -7.45 5.03
C SER A 316 -15.19 -6.23 4.31
N LEU A 317 -13.87 -6.11 4.17
CA LEU A 317 -13.30 -5.07 3.32
C LEU A 317 -13.81 -5.17 1.89
N LEU A 318 -14.29 -6.34 1.49
CA LEU A 318 -14.80 -6.56 0.15
C LEU A 318 -16.30 -6.27 0.11
N ASP A 319 -16.74 -5.63 -0.97
CA ASP A 319 -18.14 -5.26 -1.13
C ASP A 319 -18.93 -6.50 -1.54
N SER A 320 -19.19 -7.34 -0.54
CA SER A 320 -19.92 -8.60 -0.75
C SER A 320 -21.40 -8.41 -0.45
N ASP A 321 -22.00 -7.45 -1.13
CA ASP A 321 -23.42 -7.12 -0.98
C ASP A 321 -24.11 -7.22 -2.33
N CYS A 322 -25.26 -7.88 -2.35
CA CYS A 322 -26.02 -8.09 -3.57
C CYS A 322 -27.05 -6.98 -3.76
N ALA B 1 -6.78 25.39 17.19
CA ALA B 1 -5.66 24.72 16.45
C ALA B 1 -6.18 24.17 15.12
N PRO B 2 -5.34 24.21 14.07
CA PRO B 2 -5.76 23.66 12.78
C PRO B 2 -5.97 22.15 12.81
N LYS B 3 -6.70 21.67 11.80
CA LYS B 3 -6.75 20.25 11.48
C LYS B 3 -5.36 19.66 11.41
N PHE B 4 -5.25 18.38 11.77
CA PHE B 4 -3.99 17.67 11.54
C PHE B 4 -3.57 17.83 10.08
N GLY B 5 -2.34 18.30 9.86
CA GLY B 5 -1.82 18.43 8.52
C GLY B 5 -2.32 19.63 7.75
N ASP B 6 -3.30 20.36 8.25
CA ASP B 6 -3.73 21.61 7.64
C ASP B 6 -2.86 22.78 8.07
N TRP B 7 -1.86 22.55 8.93
CA TRP B 7 -0.79 23.52 9.11
C TRP B 7 -0.02 23.71 7.81
N ASP B 8 -0.14 22.78 6.87
CA ASP B 8 0.59 22.83 5.61
C ASP B 8 -0.31 23.38 4.48
N GLU B 9 -0.83 24.58 4.71
CA GLU B 9 -1.70 25.23 3.72
C GLU B 9 -0.89 26.24 2.91
N ASN B 10 -1.23 26.35 1.63
CA ASN B 10 -0.62 27.27 0.67
C ASN B 10 0.89 27.45 0.85
N ASN B 11 1.58 26.44 1.35
CA ASN B 11 3.03 26.51 1.34
C ASN B 11 3.55 26.09 -0.02
N PRO B 12 4.43 26.87 -0.66
CA PRO B 12 5.03 26.40 -1.91
C PRO B 12 5.94 25.22 -1.70
N SER B 13 6.34 24.96 -0.46
CA SER B 13 7.24 23.86 -0.13
C SER B 13 6.50 22.65 0.45
N SER B 14 5.19 22.57 0.25
CA SER B 14 4.44 21.41 0.70
C SER B 14 4.90 20.16 -0.05
N ALA B 15 5.12 19.08 0.68
CA ALA B 15 5.59 17.85 0.04
C ALA B 15 4.59 17.38 -1.02
N ASP B 16 5.10 16.57 -1.95
CA ASP B 16 4.29 15.94 -2.98
C ASP B 16 3.93 14.54 -2.50
N GLY B 17 2.63 14.25 -2.43
CA GLY B 17 2.16 13.02 -1.81
C GLY B 17 2.32 11.78 -2.64
N TYR B 18 3.45 11.09 -2.48
CA TYR B 18 3.70 9.82 -3.15
C TYR B 18 5.02 9.28 -2.61
N THR B 19 5.26 7.99 -2.86
CA THR B 19 6.38 7.32 -2.22
C THR B 19 7.71 7.87 -2.73
N HIS B 20 8.50 8.44 -1.83
CA HIS B 20 9.85 8.91 -2.16
C HIS B 20 10.90 7.93 -1.65
N ILE B 21 12.12 8.10 -2.15
CA ILE B 21 13.19 7.14 -1.93
C ILE B 21 14.49 7.91 -1.80
N PHE B 22 15.12 7.82 -0.62
CA PHE B 22 16.34 8.58 -0.33
C PHE B 22 17.47 7.63 0.01
N ASN B 23 18.69 8.18 0.01
CA ASN B 23 19.86 7.42 0.43
C ASN B 23 19.85 7.24 1.94
N LYS B 24 20.26 6.07 2.40
CA LYS B 24 20.44 5.86 3.82
C LYS B 24 21.56 6.76 4.34
N VAL B 25 21.24 7.53 5.37
CA VAL B 25 22.17 8.49 5.93
C VAL B 25 23.38 7.76 6.54
#